data_5XNS
#
_entry.id   5XNS
#
_cell.length_a   93.304
_cell.length_b   150.003
_cell.length_c   51.081
_cell.angle_alpha   90.000
_cell.angle_beta   90.000
_cell.angle_gamma   90.000
#
_symmetry.space_group_name_H-M   'P 21 21 2'
#
loop_
_entity.id
_entity.type
_entity.pdbx_description
1 polymer 'Chromosome partition protein Smc'
2 polymer 'Segregation and condensation protein A'
3 non-polymer 'CITRIC ACID'
4 water water
#
loop_
_entity_poly.entity_id
_entity_poly.type
_entity_poly.pdbx_seq_one_letter_code
_entity_poly.pdbx_strand_id
1 'polypeptide(L)'
;MPYIEKLELKGFKSYGNKKVVIPFSKGFTAIVGANGSGKSNIGDAILFVLGGLSAKAMRASRISDLIFAGSKNEPPAKYA
EVAIYFNNEDRGFPIDEDEVVIRRRVYPDGRSSYWLNGRRATRSEILDILTAAMISPDGYNIVLQGDITKFIKMSPLERR
LLIDDISGIAEYDSKKEKALEELKQAEENLARVDLLIKEVKSGGSGGSDFEIVERRYLELKSKREKLEAEKESIIEFINE
IEKEKKNVFMRTFEAISRNFSEIFAKLSPGGSARLILENPEDPFSGGLEIEAKPAGKDVKRIEAMSGGEKALTALAFVFA
IQKFKPAPFYLFDEIDAHLDDANVKRVADLIKESSKESQFIVITLRDVMMANADKIIGVSMRDGVSKVVSLSLEKAMKIL
EEIRK
;
A
2 'polypeptide(L)' DIEKYVEELYKVVKKIYEKTGTPIKFWDLVPDVEPKIIARTFLYLLFLENMGRVEIIQEEPFGEILVVPMVDKL C
#
# COMPACT_ATOMS: atom_id res chain seq x y z
N MET A 1 5.01 14.01 1.74
CA MET A 1 3.84 13.14 1.84
C MET A 1 3.65 12.59 3.25
N PRO A 2 2.39 12.38 3.66
CA PRO A 2 2.15 11.74 4.96
C PRO A 2 2.78 10.36 5.01
N TYR A 3 3.03 9.90 6.24
CA TYR A 3 3.55 8.55 6.42
C TYR A 3 3.05 8.01 7.75
N ILE A 4 3.12 6.70 7.91
CA ILE A 4 2.61 6.04 9.10
C ILE A 4 3.66 6.17 10.20
N GLU A 5 3.29 6.80 11.32
CA GLU A 5 4.17 6.88 12.47
C GLU A 5 4.10 5.62 13.31
N LYS A 6 2.89 5.17 13.62
CA LYS A 6 2.72 3.98 14.42
C LYS A 6 1.32 3.42 14.20
N LEU A 7 1.14 2.19 14.67
CA LEU A 7 -0.10 1.44 14.60
C LEU A 7 -0.35 0.89 16.00
N GLU A 8 -1.56 1.09 16.52
CA GLU A 8 -1.93 0.56 17.83
C GLU A 8 -3.02 -0.49 17.65
N LEU A 9 -2.80 -1.66 18.23
CA LEU A 9 -3.68 -2.81 18.09
C LEU A 9 -4.15 -3.22 19.49
N LYS A 10 -5.45 -3.48 19.64
CA LYS A 10 -5.99 -3.96 20.91
C LYS A 10 -7.14 -4.90 20.62
N GLY A 11 -7.03 -6.16 21.06
CA GLY A 11 -8.08 -7.11 20.81
C GLY A 11 -8.24 -7.54 19.37
N PHE A 12 -7.19 -7.36 18.54
CA PHE A 12 -7.28 -7.63 17.10
C PHE A 12 -6.52 -8.90 16.78
N LYS A 13 -7.24 -9.90 16.27
CA LYS A 13 -6.71 -11.21 15.93
C LYS A 13 -5.80 -11.73 17.04
N SER A 14 -4.51 -11.98 16.77
CA SER A 14 -3.67 -12.61 17.79
C SER A 14 -3.10 -11.61 18.80
N TYR A 15 -3.52 -10.34 18.74
CA TYR A 15 -3.01 -9.30 19.64
C TYR A 15 -4.03 -9.11 20.76
N GLY A 16 -3.57 -9.25 22.00
CA GLY A 16 -4.47 -9.42 23.13
C GLY A 16 -5.03 -8.12 23.66
N ASN A 17 -5.49 -8.19 24.92
CA ASN A 17 -6.23 -7.09 25.53
C ASN A 17 -5.36 -5.93 25.99
N LYS A 18 -4.05 -6.12 26.08
CA LYS A 18 -3.13 -5.04 26.38
C LYS A 18 -2.65 -4.43 25.07
N LYS A 19 -2.92 -3.13 24.88
CA LYS A 19 -2.59 -2.42 23.63
C LYS A 19 -1.15 -2.66 23.21
N VAL A 20 -0.94 -2.98 21.92
CA VAL A 20 0.40 -3.21 21.37
C VAL A 20 0.69 -2.11 20.35
N VAL A 21 1.81 -1.41 20.53
CA VAL A 21 2.18 -0.29 19.67
C VAL A 21 3.30 -0.72 18.74
N ILE A 22 3.10 -0.55 17.45
CA ILE A 22 4.04 -0.93 16.41
C ILE A 22 4.58 0.36 15.78
N PRO A 23 5.82 0.75 16.07
CA PRO A 23 6.38 1.96 15.47
C PRO A 23 6.99 1.63 14.11
N PHE A 24 7.12 2.67 13.28
CA PHE A 24 7.59 2.48 11.92
C PHE A 24 8.70 3.45 11.57
N SER A 25 9.62 3.00 10.73
CA SER A 25 10.52 3.93 10.07
C SER A 25 9.78 4.76 9.04
N LYS A 26 10.10 6.04 8.97
CA LYS A 26 9.67 6.85 7.83
C LYS A 26 10.06 6.20 6.50
N GLY A 27 11.14 5.42 6.48
CA GLY A 27 11.60 4.77 5.26
C GLY A 27 11.20 3.30 5.13
N PHE A 28 12.13 2.39 5.40
CA PHE A 28 11.93 0.95 5.19
C PHE A 28 11.85 0.24 6.54
N THR A 29 10.66 -0.27 6.89
CA THR A 29 10.49 -1.14 8.05
C THR A 29 10.26 -2.58 7.59
N ALA A 30 10.95 -3.53 8.23
CA ALA A 30 10.66 -4.96 8.05
C ALA A 30 9.96 -5.48 9.31
N ILE A 31 8.86 -6.20 9.11
CA ILE A 31 8.11 -6.85 10.19
C ILE A 31 8.41 -8.34 10.14
N VAL A 32 9.15 -8.86 11.11
CA VAL A 32 9.72 -10.20 10.97
C VAL A 32 9.34 -11.05 12.16
N GLY A 33 9.55 -12.35 11.99
CA GLY A 33 9.21 -13.34 12.99
C GLY A 33 8.84 -14.66 12.33
N ALA A 34 8.66 -15.67 13.17
CA ALA A 34 8.24 -16.99 12.71
C ALA A 34 6.91 -16.92 11.98
N ASN A 35 6.68 -17.88 11.08
CA ASN A 35 5.33 -18.07 10.57
C ASN A 35 4.44 -18.52 11.72
N GLY A 36 3.29 -17.88 11.84
CA GLY A 36 2.45 -18.11 13.00
C GLY A 36 2.70 -17.17 14.15
N SER A 37 3.61 -16.21 14.00
CA SER A 37 3.87 -15.29 15.10
C SER A 37 2.79 -14.24 15.24
N GLY A 38 2.00 -14.01 14.20
CA GLY A 38 1.13 -12.84 14.14
C GLY A 38 1.71 -11.67 13.38
N LYS A 39 2.92 -11.80 12.80
CA LYS A 39 3.46 -10.71 12.00
C LYS A 39 2.57 -10.37 10.81
N SER A 40 1.92 -11.36 10.21
CA SER A 40 1.09 -11.05 9.05
C SER A 40 -0.23 -10.39 9.44
N ASN A 41 -0.68 -10.58 10.68
CA ASN A 41 -1.86 -9.89 11.19
C ASN A 41 -1.69 -8.39 11.18
N ILE A 42 -0.45 -7.91 11.21
CA ILE A 42 -0.22 -6.47 11.11
C ILE A 42 -0.65 -5.95 9.75
N GLY A 43 -0.43 -6.73 8.68
CA GLY A 43 -0.97 -6.36 7.39
C GLY A 43 -2.49 -6.29 7.41
N ASP A 44 -3.13 -7.32 7.98
CA ASP A 44 -4.59 -7.31 8.09
C ASP A 44 -5.08 -6.14 8.93
N ALA A 45 -4.33 -5.75 9.95
CA ALA A 45 -4.69 -4.60 10.77
C ALA A 45 -4.74 -3.32 9.95
N ILE A 46 -3.80 -3.14 9.01
CA ILE A 46 -3.82 -1.92 8.22
C ILE A 46 -4.98 -1.92 7.24
N LEU A 47 -5.24 -3.04 6.56
CA LEU A 47 -6.46 -3.13 5.75
C LEU A 47 -7.69 -2.81 6.59
N PHE A 48 -7.73 -3.33 7.82
CA PHE A 48 -8.87 -3.14 8.71
C PHE A 48 -9.08 -1.67 9.03
N VAL A 49 -8.06 -1.02 9.59
CA VAL A 49 -8.26 0.36 10.03
C VAL A 49 -8.53 1.31 8.87
N LEU A 50 -8.14 0.96 7.64
CA LEU A 50 -8.43 1.81 6.49
C LEU A 50 -9.76 1.49 5.83
N GLY A 51 -10.59 0.69 6.48
CA GLY A 51 -11.97 0.52 6.08
C GLY A 51 -12.32 -0.78 5.39
N GLY A 52 -11.42 -1.77 5.39
CA GLY A 52 -11.72 -3.04 4.76
C GLY A 52 -13.02 -3.69 5.21
N LEU A 53 -13.84 -4.12 4.24
CA LEU A 53 -15.13 -4.74 4.49
C LEU A 53 -15.13 -6.25 4.33
N SER A 54 -14.12 -6.81 3.67
CA SER A 54 -14.09 -8.22 3.30
C SER A 54 -13.28 -9.00 4.33
N ALA A 55 -13.97 -9.84 5.12
CA ALA A 55 -13.30 -10.69 6.10
C ALA A 55 -12.22 -11.53 5.44
N LYS A 56 -12.51 -12.09 4.25
CA LYS A 56 -11.53 -12.92 3.56
C LYS A 56 -10.25 -12.15 3.29
N ALA A 57 -10.37 -10.89 2.86
CA ALA A 57 -9.18 -10.09 2.55
C ALA A 57 -8.32 -9.86 3.79
N MET A 58 -8.93 -9.84 4.97
CA MET A 58 -8.20 -9.72 6.22
C MET A 58 -7.94 -11.09 6.86
N ARG A 59 -7.98 -12.15 6.06
CA ARG A 59 -7.68 -13.51 6.50
C ARG A 59 -8.52 -13.87 7.72
N ALA A 60 -9.83 -13.73 7.57
CA ALA A 60 -10.81 -14.14 8.57
C ALA A 60 -12.05 -14.67 7.85
N SER A 61 -12.82 -15.52 8.52
CA SER A 61 -13.99 -16.09 7.85
C SER A 61 -15.20 -15.19 8.00
N ARG A 62 -15.33 -14.50 9.13
CA ARG A 62 -16.36 -13.51 9.38
C ARG A 62 -15.69 -12.32 10.04
N ILE A 63 -16.33 -11.16 9.95
CA ILE A 63 -15.72 -9.96 10.52
C ILE A 63 -15.47 -10.13 12.01
N SER A 64 -16.39 -10.80 12.71
CA SER A 64 -16.24 -10.97 14.15
C SER A 64 -15.07 -11.87 14.52
N ASP A 65 -14.61 -12.71 13.61
CA ASP A 65 -13.43 -13.49 13.88
C ASP A 65 -12.13 -12.65 13.90
N LEU A 66 -12.20 -11.34 13.61
CA LEU A 66 -11.06 -10.47 13.85
C LEU A 66 -10.88 -10.11 15.32
N ILE A 67 -11.87 -10.43 16.16
CA ILE A 67 -11.81 -10.05 17.56
C ILE A 67 -11.02 -11.10 18.33
N PHE A 68 -10.03 -10.65 19.08
CA PHE A 68 -9.24 -11.55 19.92
C PHE A 68 -10.14 -12.49 20.71
N ALA A 69 -9.92 -13.80 20.56
CA ALA A 69 -10.80 -14.81 21.10
C ALA A 69 -10.39 -15.31 22.47
N GLY A 70 -9.43 -14.66 23.12
CA GLY A 70 -8.91 -15.12 24.40
C GLY A 70 -7.73 -16.06 24.25
N SER A 71 -7.00 -16.22 25.35
CA SER A 71 -5.79 -17.03 25.35
C SER A 71 -5.63 -17.70 26.70
N LYS A 72 -4.52 -18.42 26.87
CA LYS A 72 -4.21 -19.06 28.14
C LYS A 72 -4.45 -18.12 29.31
N ASN A 73 -3.89 -16.91 29.26
CA ASN A 73 -3.94 -15.98 30.39
C ASN A 73 -4.88 -14.82 30.15
N GLU A 74 -5.68 -14.84 29.10
CA GLU A 74 -6.51 -13.67 28.82
C GLU A 74 -7.92 -14.09 28.44
N PRO A 75 -8.91 -13.29 28.81
CA PRO A 75 -10.28 -13.51 28.35
C PRO A 75 -10.43 -12.97 26.93
N PRO A 76 -11.50 -13.37 26.23
CA PRO A 76 -11.78 -12.77 24.92
C PRO A 76 -11.99 -11.27 25.05
N ALA A 77 -11.72 -10.56 23.95
CA ALA A 77 -11.93 -9.13 23.94
C ALA A 77 -13.40 -8.84 23.67
N LYS A 78 -13.86 -7.70 24.18
CA LYS A 78 -15.20 -7.22 23.87
C LYS A 78 -15.30 -6.69 22.45
N TYR A 79 -14.17 -6.32 21.85
CA TYR A 79 -14.16 -5.71 20.53
C TYR A 79 -12.73 -5.70 20.03
N ALA A 80 -12.58 -5.65 18.70
CA ALA A 80 -11.28 -5.46 18.10
C ALA A 80 -11.10 -3.99 17.81
N GLU A 81 -9.90 -3.47 18.08
CA GLU A 81 -9.63 -2.07 17.82
C GLU A 81 -8.27 -1.89 17.17
N VAL A 82 -8.20 -1.02 16.15
CA VAL A 82 -6.94 -0.63 15.54
C VAL A 82 -6.94 0.88 15.34
N ALA A 83 -5.84 1.52 15.71
CA ALA A 83 -5.64 2.95 15.45
C ALA A 83 -4.35 3.15 14.66
N ILE A 84 -4.41 3.98 13.63
CA ILE A 84 -3.24 4.28 12.81
C ILE A 84 -2.95 5.77 12.90
N TYR A 85 -1.67 6.11 13.07
CA TYR A 85 -1.23 7.49 13.27
C TYR A 85 -0.39 7.93 12.08
N PHE A 86 -0.86 8.95 11.36
CA PHE A 86 -0.16 9.51 10.21
C PHE A 86 0.51 10.82 10.61
N ASN A 87 1.78 10.99 10.24
CA ASN A 87 2.40 12.31 10.25
C ASN A 87 1.81 13.16 9.13
N ASN A 88 1.31 14.36 9.48
CA ASN A 88 0.64 15.23 8.50
C ASN A 88 1.28 16.62 8.46
N GLU A 89 2.56 16.72 8.85
CA GLU A 89 3.20 18.03 8.97
C GLU A 89 3.16 18.83 7.67
N ASP A 90 3.13 18.17 6.52
CA ASP A 90 3.03 18.85 5.24
C ASP A 90 1.60 18.90 4.71
N ARG A 91 0.61 18.53 5.53
CA ARG A 91 -0.81 18.68 5.21
C ARG A 91 -1.22 17.90 3.94
N GLY A 92 -0.63 16.71 3.77
CA GLY A 92 -1.19 15.78 2.79
C GLY A 92 -2.65 15.48 3.06
N PHE A 93 -3.04 15.38 4.35
CA PHE A 93 -4.44 15.32 4.73
C PHE A 93 -5.00 16.73 4.83
N PRO A 94 -6.18 17.00 4.25
CA PRO A 94 -6.81 18.31 4.41
C PRO A 94 -7.34 18.51 5.81
N ILE A 95 -6.44 18.47 6.79
CA ILE A 95 -6.74 18.63 8.21
C ILE A 95 -5.61 19.42 8.83
N ASP A 96 -5.95 20.41 9.65
CA ASP A 96 -4.94 21.33 10.17
C ASP A 96 -4.37 20.80 11.49
N GLU A 97 -3.74 19.63 11.39
CA GLU A 97 -3.09 19.01 12.53
C GLU A 97 -1.83 18.30 12.03
N ASP A 98 -0.77 18.37 12.83
CA ASP A 98 0.46 17.64 12.54
C ASP A 98 0.26 16.13 12.60
N GLU A 99 -0.91 15.67 13.01
CA GLU A 99 -1.13 14.24 13.15
C GLU A 99 -2.57 13.94 12.82
N VAL A 100 -2.79 12.90 12.03
CA VAL A 100 -4.12 12.40 11.73
C VAL A 100 -4.23 11.00 12.30
N VAL A 101 -5.22 10.78 13.15
CA VAL A 101 -5.45 9.47 13.77
C VAL A 101 -6.76 8.91 13.24
N ILE A 102 -6.71 7.71 12.67
CA ILE A 102 -7.89 6.96 12.29
C ILE A 102 -7.97 5.75 13.20
N ARG A 103 -9.15 5.53 13.77
CA ARG A 103 -9.39 4.45 14.72
C ARG A 103 -10.64 3.71 14.27
N ARG A 104 -10.58 2.38 14.25
CA ARG A 104 -11.75 1.56 13.97
C ARG A 104 -11.92 0.51 15.06
N ARG A 105 -13.16 0.29 15.48
CA ARG A 105 -13.54 -0.84 16.33
C ARG A 105 -14.59 -1.69 15.64
N VAL A 106 -14.49 -3.01 15.79
CA VAL A 106 -15.55 -3.90 15.35
C VAL A 106 -15.99 -4.73 16.56
N TYR A 107 -17.28 -5.02 16.63
CA TYR A 107 -17.89 -5.67 17.78
C TYR A 107 -18.41 -7.05 17.40
N PRO A 108 -18.66 -7.94 18.38
CA PRO A 108 -19.14 -9.29 18.01
C PRO A 108 -20.43 -9.27 17.20
N ASP A 109 -21.27 -8.24 17.35
CA ASP A 109 -22.48 -8.21 16.54
C ASP A 109 -22.21 -7.81 15.09
N GLY A 110 -20.94 -7.57 14.72
CA GLY A 110 -20.58 -7.25 13.35
C GLY A 110 -20.55 -5.78 13.00
N ARG A 111 -21.00 -4.90 13.88
CA ARG A 111 -20.94 -3.49 13.55
C ARG A 111 -19.54 -2.92 13.77
N SER A 112 -19.22 -1.87 13.02
CA SER A 112 -17.96 -1.15 13.13
C SER A 112 -18.21 0.32 13.47
N SER A 113 -17.28 0.89 14.22
CA SER A 113 -17.28 2.33 14.48
C SER A 113 -15.93 2.92 14.07
N TYR A 114 -15.94 4.18 13.66
CA TYR A 114 -14.73 4.88 13.23
C TYR A 114 -14.61 6.20 13.97
N TRP A 115 -13.37 6.61 14.19
CA TRP A 115 -13.02 7.92 14.73
C TRP A 115 -11.97 8.60 13.86
N LEU A 116 -12.11 9.90 13.67
CA LEU A 116 -11.12 10.73 13.00
C LEU A 116 -10.66 11.76 14.01
N ASN A 117 -9.40 11.66 14.43
CA ASN A 117 -8.82 12.55 15.43
C ASN A 117 -9.79 12.74 16.60
N GLY A 118 -10.25 11.63 17.16
CA GLY A 118 -11.09 11.64 18.34
C GLY A 118 -12.57 11.81 18.09
N ARG A 119 -12.97 12.40 16.96
CA ARG A 119 -14.38 12.60 16.66
C ARG A 119 -14.92 11.44 15.83
N ARG A 120 -16.14 11.00 16.12
CA ARG A 120 -16.76 9.92 15.35
C ARG A 120 -16.89 10.32 13.89
N ALA A 121 -16.84 9.33 13.01
CA ALA A 121 -16.98 9.57 11.58
C ALA A 121 -17.53 8.33 10.91
N THR A 122 -18.22 8.53 9.81
CA THR A 122 -18.66 7.38 9.04
C THR A 122 -17.49 6.80 8.27
N ARG A 123 -17.66 5.54 7.85
CA ARG A 123 -16.70 4.94 6.94
C ARG A 123 -16.52 5.79 5.69
N SER A 124 -17.61 6.33 5.15
CA SER A 124 -17.50 7.20 3.97
C SER A 124 -16.64 8.41 4.24
N GLU A 125 -16.76 9.00 5.43
CA GLU A 125 -15.92 10.15 5.76
C GLU A 125 -14.45 9.76 5.85
N ILE A 126 -14.17 8.57 6.39
CA ILE A 126 -12.79 8.08 6.47
C ILE A 126 -12.23 7.88 5.07
N LEU A 127 -12.98 7.20 4.21
CA LEU A 127 -12.52 6.98 2.85
C LEU A 127 -12.28 8.30 2.13
N ASP A 128 -13.15 9.30 2.34
CA ASP A 128 -12.95 10.60 1.71
C ASP A 128 -11.64 11.24 2.16
N ILE A 129 -11.34 11.16 3.46
CA ILE A 129 -10.10 11.76 3.93
C ILE A 129 -8.89 10.99 3.38
N LEU A 130 -9.00 9.65 3.27
CA LEU A 130 -7.90 8.87 2.72
C LEU A 130 -7.70 9.17 1.24
N THR A 131 -8.81 9.32 0.52
CA THR A 131 -8.73 9.67 -0.90
C THR A 131 -8.08 11.04 -1.09
N ALA A 132 -8.42 12.00 -0.24
CA ALA A 132 -7.83 13.33 -0.34
C ALA A 132 -6.32 13.28 -0.14
N ALA A 133 -5.86 12.38 0.74
CA ALA A 133 -4.43 12.19 1.00
C ALA A 133 -3.79 11.24 0.01
N MET A 134 -4.56 10.71 -0.95
CA MET A 134 -4.04 9.76 -1.94
C MET A 134 -3.52 8.50 -1.26
N ILE A 135 -4.23 8.08 -0.21
CA ILE A 135 -3.97 6.83 0.49
C ILE A 135 -5.13 5.90 0.20
N SER A 136 -4.84 4.82 -0.35
CA SER A 136 -5.77 3.82 -0.82
C SER A 136 -6.08 2.82 0.28
N PRO A 137 -7.34 2.46 0.49
CA PRO A 137 -7.64 1.38 1.45
C PRO A 137 -7.05 0.05 1.02
N ASP A 138 -7.09 -0.27 -0.27
CA ASP A 138 -6.55 -1.51 -0.78
C ASP A 138 -6.17 -1.30 -2.26
N GLY A 139 -5.33 -0.30 -2.51
CA GLY A 139 -4.89 0.01 -3.85
C GLY A 139 -3.68 -0.82 -4.27
N TYR A 140 -3.15 -0.45 -5.45
CA TYR A 140 -2.05 -1.22 -6.03
C TYR A 140 -0.84 -1.25 -5.11
N ASN A 141 -0.67 -0.24 -4.26
CA ASN A 141 0.49 -0.15 -3.36
C ASN A 141 0.41 -1.13 -2.18
N ILE A 142 -0.71 -1.80 -1.99
CA ILE A 142 -0.84 -2.79 -0.93
C ILE A 142 -0.81 -4.15 -1.59
N VAL A 143 0.20 -4.94 -1.26
CA VAL A 143 0.37 -6.22 -1.92
C VAL A 143 0.52 -7.25 -0.81
N LEU A 144 -0.60 -7.71 -0.27
CA LEU A 144 -0.60 -8.74 0.77
C LEU A 144 -0.77 -10.11 0.13
N GLN A 145 -0.96 -11.12 0.97
CA GLN A 145 -1.09 -12.49 0.47
C GLN A 145 -2.23 -12.57 -0.54
N GLY A 146 -1.95 -13.20 -1.68
CA GLY A 146 -2.92 -13.36 -2.74
C GLY A 146 -2.99 -12.20 -3.73
N ASP A 147 -2.36 -11.05 -3.42
CA ASP A 147 -2.54 -9.89 -4.29
C ASP A 147 -1.69 -9.98 -5.56
N ILE A 148 -0.60 -10.74 -5.56
CA ILE A 148 0.11 -10.94 -6.81
C ILE A 148 -0.74 -11.77 -7.78
N THR A 149 -1.35 -12.84 -7.29
CA THR A 149 -2.28 -13.60 -8.12
C THR A 149 -3.44 -12.72 -8.60
N LYS A 150 -3.98 -11.89 -7.72
CA LYS A 150 -5.05 -10.99 -8.16
C LYS A 150 -4.57 -10.08 -9.28
N PHE A 151 -3.35 -9.55 -9.17
CA PHE A 151 -2.85 -8.66 -10.21
C PHE A 151 -2.64 -9.40 -11.52
N ILE A 152 -2.27 -10.69 -11.47
CA ILE A 152 -2.08 -11.51 -12.66
C ILE A 152 -3.41 -11.79 -13.35
N LYS A 153 -4.45 -12.14 -12.57
CA LYS A 153 -5.79 -12.44 -13.08
C LYS A 153 -6.61 -11.19 -13.37
N MET A 154 -6.05 -10.01 -13.12
CA MET A 154 -6.79 -8.77 -13.30
C MET A 154 -7.07 -8.55 -14.79
N SER A 155 -8.22 -7.98 -15.10
CA SER A 155 -8.54 -7.76 -16.50
C SER A 155 -7.72 -6.60 -17.06
N PRO A 156 -7.40 -6.63 -18.35
CA PRO A 156 -6.69 -5.49 -18.96
C PRO A 156 -7.39 -4.16 -18.75
N LEU A 157 -8.73 -4.16 -18.73
CA LEU A 157 -9.46 -2.93 -18.48
C LEU A 157 -9.19 -2.40 -17.07
N GLU A 158 -9.26 -3.29 -16.07
CA GLU A 158 -8.95 -2.88 -14.70
C GLU A 158 -7.51 -2.37 -14.61
N ARG A 159 -6.59 -3.02 -15.32
CA ARG A 159 -5.20 -2.58 -15.28
C ARG A 159 -5.06 -1.17 -15.85
N ARG A 160 -5.73 -0.85 -16.97
CA ARG A 160 -5.63 0.52 -17.47
C ARG A 160 -6.22 1.52 -16.49
N LEU A 161 -7.34 1.18 -15.84
CA LEU A 161 -7.98 2.11 -14.92
C LEU A 161 -7.03 2.54 -13.82
N LEU A 162 -6.12 1.64 -13.44
CA LEU A 162 -5.05 1.98 -12.51
C LEU A 162 -4.19 3.14 -13.03
N ILE A 163 -3.81 3.09 -14.30
CA ILE A 163 -3.03 4.16 -14.92
C ILE A 163 -3.89 5.41 -15.11
N ASP A 164 -5.16 5.24 -15.51
CA ASP A 164 -6.10 6.37 -15.53
C ASP A 164 -6.00 7.14 -14.23
N ASP A 165 -6.09 6.41 -13.11
CA ASP A 165 -6.08 7.04 -11.80
C ASP A 165 -4.76 7.78 -11.57
N ILE A 166 -3.63 7.08 -11.73
CA ILE A 166 -2.33 7.70 -11.50
C ILE A 166 -2.15 8.93 -12.38
N SER A 167 -2.63 8.86 -13.63
CA SER A 167 -2.41 9.96 -14.56
C SER A 167 -3.15 11.22 -14.18
N GLY A 168 -4.25 11.09 -13.43
CA GLY A 168 -5.02 12.26 -13.03
C GLY A 168 -6.00 12.76 -14.05
N ILE A 169 -6.39 11.95 -15.05
CA ILE A 169 -7.30 12.44 -16.07
C ILE A 169 -8.72 12.63 -15.55
N ALA A 170 -9.00 12.22 -14.31
CA ALA A 170 -10.34 12.39 -13.77
C ALA A 170 -10.77 13.86 -13.82
N GLU A 171 -9.83 14.80 -13.67
CA GLU A 171 -10.17 16.21 -13.83
C GLU A 171 -10.68 16.53 -15.24
N TYR A 172 -10.18 15.82 -16.26
CA TYR A 172 -10.69 16.04 -17.60
C TYR A 172 -12.11 15.48 -17.76
N ASP A 173 -12.39 14.29 -17.21
CA ASP A 173 -13.77 13.80 -17.25
C ASP A 173 -14.73 14.76 -16.55
N SER A 174 -14.27 15.40 -15.47
CA SER A 174 -15.10 16.37 -14.78
C SER A 174 -15.40 17.59 -15.66
N LYS A 175 -14.34 18.21 -16.21
CA LYS A 175 -14.54 19.35 -17.14
C LYS A 175 -15.47 18.99 -18.28
N LYS A 176 -15.36 17.75 -18.80
CA LYS A 176 -16.21 17.33 -19.90
C LYS A 176 -17.67 17.23 -19.48
N GLU A 177 -17.93 16.67 -18.29
CA GLU A 177 -19.29 16.60 -17.78
C GLU A 177 -19.91 17.99 -17.67
N LYS A 178 -19.14 18.98 -17.21
CA LYS A 178 -19.70 20.32 -17.07
C LYS A 178 -19.93 20.97 -18.43
N ALA A 179 -19.04 20.72 -19.39
CA ALA A 179 -19.26 21.25 -20.73
C ALA A 179 -20.44 20.57 -21.41
N LEU A 180 -20.66 19.28 -21.16
CA LEU A 180 -21.84 18.62 -21.71
C LEU A 180 -23.11 19.18 -21.11
N GLU A 181 -23.06 19.61 -19.85
CA GLU A 181 -24.22 20.23 -19.24
C GLU A 181 -24.54 21.55 -19.92
N GLU A 182 -23.51 22.38 -20.16
CA GLU A 182 -23.69 23.62 -20.89
C GLU A 182 -24.23 23.38 -22.29
N LEU A 183 -23.67 22.39 -23.00
CA LEU A 183 -24.16 22.03 -24.33
C LEU A 183 -25.64 21.63 -24.27
N LYS A 184 -25.99 20.80 -23.28
CA LYS A 184 -27.38 20.42 -23.10
C LYS A 184 -28.28 21.65 -22.99
N GLN A 185 -27.92 22.61 -22.15
CA GLN A 185 -28.75 23.80 -22.00
C GLN A 185 -28.81 24.59 -23.30
N ALA A 186 -27.68 24.70 -24.00
CA ALA A 186 -27.68 25.41 -25.27
C ALA A 186 -28.66 24.77 -26.24
N GLU A 187 -28.63 23.44 -26.36
CA GLU A 187 -29.55 22.75 -27.28
C GLU A 187 -31.00 22.97 -26.88
N GLU A 188 -31.30 22.88 -25.59
CA GLU A 188 -32.66 23.12 -25.12
C GLU A 188 -33.12 24.53 -25.48
N ASN A 189 -32.23 25.51 -25.28
CA ASN A 189 -32.58 26.89 -25.63
C ASN A 189 -32.70 27.05 -27.14
N LEU A 190 -31.86 26.36 -27.92
CA LEU A 190 -32.00 26.44 -29.37
C LEU A 190 -33.35 25.91 -29.82
N ALA A 191 -33.73 24.72 -29.34
CA ALA A 191 -35.03 24.16 -29.72
C ALA A 191 -36.17 25.08 -29.30
N ARG A 192 -36.07 25.69 -28.12
CA ARG A 192 -37.10 26.62 -27.69
C ARG A 192 -37.20 27.80 -28.65
N VAL A 193 -36.06 28.41 -29.00
CA VAL A 193 -36.09 29.55 -29.91
C VAL A 193 -36.56 29.11 -31.28
N ASP A 194 -36.17 27.92 -31.72
CA ASP A 194 -36.64 27.40 -33.00
C ASP A 194 -38.16 27.25 -33.03
N LEU A 195 -38.75 26.74 -31.95
CA LEU A 195 -40.22 26.67 -31.89
C LEU A 195 -40.85 28.06 -31.95
N LEU A 196 -40.24 29.04 -31.27
CA LEU A 196 -40.83 30.37 -31.23
C LEU A 196 -40.70 31.07 -32.58
N ILE A 197 -39.61 30.81 -33.31
CA ILE A 197 -39.45 31.38 -34.64
C ILE A 197 -40.43 30.76 -35.62
N LYS A 198 -40.62 29.43 -35.55
CA LYS A 198 -41.59 28.77 -36.41
C LYS A 198 -42.98 29.38 -36.24
N GLU A 199 -43.39 29.60 -35.00
CA GLU A 199 -44.71 30.18 -34.75
C GLU A 199 -44.81 31.59 -35.32
N VAL A 200 -43.77 32.41 -35.16
CA VAL A 200 -43.79 33.80 -35.61
C VAL A 200 -43.97 33.88 -37.13
N LYS A 201 -43.50 32.89 -37.87
CA LYS A 201 -43.63 32.89 -39.32
C LYS A 201 -44.84 32.09 -39.81
N ASP A 209 -49.75 44.99 -37.22
CA ASP A 209 -49.04 43.89 -36.59
C ASP A 209 -47.64 43.70 -37.18
N PHE A 210 -47.32 44.30 -38.34
CA PHE A 210 -46.03 43.99 -38.95
C PHE A 210 -44.87 44.33 -38.04
N GLU A 211 -44.90 45.51 -37.41
CA GLU A 211 -43.79 45.91 -36.55
C GLU A 211 -43.60 44.93 -35.40
N ILE A 212 -44.71 44.48 -34.80
CA ILE A 212 -44.61 43.54 -33.67
C ILE A 212 -43.94 42.24 -34.11
N VAL A 213 -44.41 41.65 -35.22
CA VAL A 213 -43.84 40.36 -35.60
C VAL A 213 -42.40 40.54 -36.08
N GLU A 214 -42.11 41.64 -36.78
CA GLU A 214 -40.74 41.87 -37.21
C GLU A 214 -39.81 42.09 -36.03
N ARG A 215 -40.24 42.86 -35.04
CA ARG A 215 -39.44 43.03 -33.84
C ARG A 215 -39.16 41.68 -33.19
N ARG A 216 -40.22 40.91 -32.95
CA ARG A 216 -40.04 39.64 -32.28
C ARG A 216 -39.21 38.68 -33.13
N TYR A 217 -39.38 38.72 -34.46
CA TYR A 217 -38.57 37.85 -35.30
C TYR A 217 -37.10 38.25 -35.24
N LEU A 218 -36.81 39.56 -35.21
CA LEU A 218 -35.41 39.99 -35.17
C LEU A 218 -34.77 39.63 -33.84
N GLU A 219 -35.51 39.74 -32.74
CA GLU A 219 -34.93 39.43 -31.43
C GLU A 219 -34.69 37.94 -31.30
N LEU A 220 -35.58 37.12 -31.83
CA LEU A 220 -35.38 35.67 -31.80
C LEU A 220 -34.21 35.26 -32.69
N LYS A 221 -34.12 35.84 -33.89
CA LYS A 221 -33.00 35.54 -34.80
C LYS A 221 -31.67 35.90 -34.15
N SER A 222 -31.64 36.99 -33.37
CA SER A 222 -30.42 37.39 -32.67
C SER A 222 -30.11 36.44 -31.50
N LYS A 223 -31.12 36.08 -30.71
CA LYS A 223 -30.87 35.12 -29.64
C LYS A 223 -30.40 33.78 -30.22
N ARG A 224 -30.98 33.36 -31.35
CA ARG A 224 -30.55 32.12 -31.96
C ARG A 224 -29.08 32.20 -32.38
N GLU A 225 -28.67 33.34 -32.95
CA GLU A 225 -27.30 33.49 -33.40
C GLU A 225 -26.31 33.41 -32.25
N LYS A 226 -26.64 34.00 -31.10
CA LYS A 226 -25.78 33.86 -29.93
C LYS A 226 -25.74 32.41 -29.45
N LEU A 227 -26.90 31.75 -29.39
CA LEU A 227 -26.94 30.37 -28.95
C LEU A 227 -26.11 29.46 -29.87
N GLU A 228 -26.18 29.67 -31.19
CA GLU A 228 -25.40 28.85 -32.13
C GLU A 228 -23.89 29.06 -31.92
N ALA A 229 -23.44 30.30 -31.76
CA ALA A 229 -22.03 30.52 -31.48
C ALA A 229 -21.64 29.86 -30.14
N GLU A 230 -22.47 30.03 -29.12
CA GLU A 230 -22.20 29.38 -27.83
C GLU A 230 -22.11 27.87 -27.98
N LYS A 231 -23.02 27.28 -28.77
CA LYS A 231 -22.98 25.84 -28.99
C LYS A 231 -21.66 25.44 -29.63
N GLU A 232 -21.23 26.19 -30.66
CA GLU A 232 -20.03 25.80 -31.39
C GLU A 232 -18.81 25.89 -30.48
N SER A 233 -18.72 26.92 -29.64
CA SER A 233 -17.54 27.03 -28.81
C SER A 233 -17.51 25.96 -27.72
N ILE A 234 -18.67 25.51 -27.23
CA ILE A 234 -18.65 24.41 -26.28
C ILE A 234 -18.17 23.14 -26.95
N ILE A 235 -18.57 22.91 -28.20
CA ILE A 235 -18.15 21.69 -28.88
C ILE A 235 -16.64 21.70 -29.10
N GLU A 236 -16.07 22.86 -29.43
CA GLU A 236 -14.61 22.95 -29.53
C GLU A 236 -13.95 22.68 -28.18
N PHE A 237 -14.46 23.29 -27.11
CA PHE A 237 -13.91 23.04 -25.77
C PHE A 237 -13.93 21.55 -25.44
N ILE A 238 -15.03 20.86 -25.74
CA ILE A 238 -15.09 19.42 -25.50
C ILE A 238 -14.00 18.70 -26.32
N ASN A 239 -13.84 19.07 -27.58
CA ASN A 239 -12.79 18.46 -28.40
C ASN A 239 -11.40 18.69 -27.81
N GLU A 240 -11.12 19.90 -27.37
CA GLU A 240 -9.85 20.19 -26.73
C GLU A 240 -9.65 19.35 -25.47
N ILE A 241 -10.68 19.28 -24.62
CA ILE A 241 -10.58 18.47 -23.40
C ILE A 241 -10.23 17.03 -23.73
N GLU A 242 -10.85 16.49 -24.79
CA GLU A 242 -10.61 15.10 -25.13
C GLU A 242 -9.18 14.88 -25.62
N LYS A 243 -8.64 15.85 -26.37
CA LYS A 243 -7.24 15.76 -26.80
C LYS A 243 -6.29 15.85 -25.62
N GLU A 244 -6.53 16.81 -24.73
CA GLU A 244 -5.65 16.97 -23.57
C GLU A 244 -5.69 15.74 -22.68
N LYS A 245 -6.88 15.16 -22.46
CA LYS A 245 -7.01 13.95 -21.66
C LYS A 245 -6.15 12.83 -22.23
N LYS A 246 -6.28 12.58 -23.53
CA LYS A 246 -5.45 11.58 -24.19
C LYS A 246 -3.97 11.90 -24.04
N ASN A 247 -3.60 13.19 -24.15
CA ASN A 247 -2.19 13.57 -24.06
C ASN A 247 -1.63 13.29 -22.67
N VAL A 248 -2.34 13.71 -21.63
CA VAL A 248 -1.87 13.50 -20.26
C VAL A 248 -1.74 12.00 -19.98
N PHE A 249 -2.73 11.22 -20.43
CA PHE A 249 -2.65 9.78 -20.21
C PHE A 249 -1.45 9.17 -20.92
N MET A 250 -1.19 9.58 -22.17
CA MET A 250 -0.10 8.97 -22.94
C MET A 250 1.25 9.35 -22.37
N ARG A 251 1.40 10.61 -21.94
CA ARG A 251 2.63 11.02 -21.27
C ARG A 251 2.87 10.15 -20.04
N THR A 252 1.81 9.90 -19.26
CA THR A 252 1.91 9.07 -18.07
C THR A 252 2.23 7.64 -18.44
N PHE A 253 1.48 7.08 -19.39
CA PHE A 253 1.70 5.69 -19.79
C PHE A 253 3.12 5.48 -20.32
N GLU A 254 3.63 6.40 -21.15
CA GLU A 254 4.93 6.14 -21.76
C GLU A 254 6.05 6.19 -20.73
N ALA A 255 5.93 7.09 -19.75
CA ALA A 255 6.95 7.18 -18.70
C ALA A 255 6.92 5.94 -17.80
N ILE A 256 5.73 5.49 -17.40
CA ILE A 256 5.63 4.29 -16.58
C ILE A 256 6.03 3.06 -17.39
N SER A 257 5.68 3.03 -18.68
CA SER A 257 6.11 1.94 -19.54
C SER A 257 7.63 1.84 -19.58
N ARG A 258 8.30 2.98 -19.78
CA ARG A 258 9.77 3.00 -19.73
C ARG A 258 10.27 2.48 -18.38
N ASN A 259 9.75 3.03 -17.27
CA ASN A 259 10.11 2.54 -15.95
C ASN A 259 9.97 1.03 -15.85
N PHE A 260 8.84 0.50 -16.32
CA PHE A 260 8.56 -0.92 -16.16
C PHE A 260 9.59 -1.78 -16.86
N SER A 261 9.94 -1.42 -18.11
CA SER A 261 10.96 -2.15 -18.84
C SER A 261 12.31 -2.09 -18.14
N GLU A 262 12.72 -0.90 -17.66
CA GLU A 262 14.00 -0.80 -16.98
C GLU A 262 14.02 -1.64 -15.71
N ILE A 263 12.97 -1.50 -14.89
CA ILE A 263 12.94 -2.19 -13.62
C ILE A 263 12.90 -3.70 -13.82
N PHE A 264 12.12 -4.16 -14.79
CA PHE A 264 12.03 -5.61 -14.98
C PHE A 264 13.37 -6.18 -15.45
N ALA A 265 14.06 -5.45 -16.31
CA ALA A 265 15.40 -5.88 -16.72
C ALA A 265 16.35 -5.90 -15.54
N LYS A 266 16.14 -5.01 -14.55
CA LYS A 266 17.02 -4.99 -13.38
C LYS A 266 16.67 -6.14 -12.42
N LEU A 267 15.38 -6.41 -12.20
CA LEU A 267 15.01 -7.51 -11.30
C LEU A 267 15.30 -8.86 -11.93
N SER A 268 15.15 -8.99 -13.24
CA SER A 268 15.31 -10.26 -13.94
C SER A 268 16.45 -10.09 -14.96
N PRO A 269 17.70 -10.27 -14.52
CA PRO A 269 18.83 -10.00 -15.42
C PRO A 269 18.76 -10.81 -16.71
N GLY A 270 19.00 -10.13 -17.83
CA GLY A 270 18.85 -10.75 -19.12
C GLY A 270 17.43 -10.87 -19.61
N GLY A 271 16.45 -10.41 -18.83
CA GLY A 271 15.06 -10.45 -19.24
C GLY A 271 14.60 -9.09 -19.75
N SER A 272 13.38 -9.09 -20.28
CA SER A 272 12.80 -7.83 -20.74
C SER A 272 11.28 -7.94 -20.79
N ALA A 273 10.61 -6.78 -20.80
CA ALA A 273 9.16 -6.78 -20.71
C ALA A 273 8.59 -5.47 -21.23
N ARG A 274 7.31 -5.51 -21.59
CA ARG A 274 6.64 -4.35 -22.15
C ARG A 274 5.22 -4.26 -21.60
N LEU A 275 4.80 -3.03 -21.30
CA LEU A 275 3.37 -2.70 -21.21
C LEU A 275 2.81 -2.51 -22.61
N ILE A 276 1.54 -2.89 -22.79
CA ILE A 276 0.87 -2.85 -24.08
C ILE A 276 -0.51 -2.20 -23.90
N LEU A 277 -0.78 -1.14 -24.67
CA LEU A 277 -2.12 -0.60 -24.81
C LEU A 277 -2.87 -1.37 -25.88
N GLU A 278 -4.04 -1.93 -25.52
CA GLU A 278 -4.82 -2.66 -26.51
C GLU A 278 -5.30 -1.79 -27.66
N ASN A 279 -5.38 -0.48 -27.46
CA ASN A 279 -5.76 0.45 -28.50
C ASN A 279 -4.98 1.73 -28.30
N PRO A 280 -3.80 1.84 -28.92
CA PRO A 280 -3.01 3.07 -28.75
C PRO A 280 -3.66 4.27 -29.38
N GLU A 281 -4.54 4.06 -30.36
CA GLU A 281 -5.18 5.17 -31.02
C GLU A 281 -6.18 5.85 -30.09
N ASP A 282 -6.99 5.05 -29.39
CA ASP A 282 -7.89 5.54 -28.35
C ASP A 282 -7.71 4.68 -27.10
N PRO A 283 -6.80 5.07 -26.22
CA PRO A 283 -6.48 4.20 -25.08
C PRO A 283 -7.69 3.85 -24.24
N PHE A 284 -8.65 4.77 -24.13
CA PHE A 284 -9.80 4.60 -23.25
C PHE A 284 -10.82 3.61 -23.80
N SER A 285 -10.60 3.08 -25.00
CA SER A 285 -11.47 2.05 -25.55
C SER A 285 -10.89 0.65 -25.37
N GLY A 286 -9.83 0.50 -24.58
CA GLY A 286 -9.20 -0.80 -24.43
C GLY A 286 -8.41 -0.90 -23.15
N GLY A 287 -7.84 -2.08 -22.93
CA GLY A 287 -7.15 -2.38 -21.68
C GLY A 287 -5.66 -2.16 -21.78
N LEU A 288 -4.97 -2.57 -20.70
CA LEU A 288 -3.53 -2.45 -20.58
C LEU A 288 -2.98 -3.84 -20.32
N GLU A 289 -2.13 -4.33 -21.21
CA GLU A 289 -1.64 -5.69 -21.20
C GLU A 289 -0.15 -5.71 -20.88
N ILE A 290 0.34 -6.88 -20.49
CA ILE A 290 1.74 -7.01 -20.09
C ILE A 290 2.34 -8.24 -20.75
N GLU A 291 3.49 -8.07 -21.39
CA GLU A 291 4.26 -9.20 -21.92
C GLU A 291 5.68 -9.13 -21.38
N ALA A 292 6.21 -10.29 -21.00
CA ALA A 292 7.55 -10.33 -20.45
C ALA A 292 8.30 -11.51 -21.04
N LYS A 293 9.61 -11.33 -21.20
CA LYS A 293 10.49 -12.34 -21.76
C LYS A 293 11.64 -12.56 -20.79
N PRO A 294 11.54 -13.53 -19.89
CA PRO A 294 12.69 -13.85 -19.03
C PRO A 294 13.86 -14.31 -19.87
N ALA A 295 15.07 -14.12 -19.33
CA ALA A 295 16.30 -14.47 -20.04
C ALA A 295 16.27 -15.92 -20.51
N GLY A 296 16.35 -16.10 -21.82
CA GLY A 296 16.40 -17.41 -22.43
C GLY A 296 15.08 -18.16 -22.50
N LYS A 297 13.97 -17.57 -22.07
CA LYS A 297 12.66 -18.18 -22.21
C LYS A 297 11.85 -17.45 -23.28
N ASP A 298 10.74 -18.07 -23.69
CA ASP A 298 9.88 -17.47 -24.71
C ASP A 298 9.11 -16.29 -24.14
N VAL A 299 8.61 -15.44 -25.05
CA VAL A 299 7.76 -14.34 -24.60
C VAL A 299 6.47 -14.93 -24.07
N LYS A 300 6.10 -14.53 -22.87
CA LYS A 300 4.84 -14.95 -22.28
C LYS A 300 4.06 -13.71 -21.87
N ARG A 301 2.77 -13.91 -21.71
CA ARG A 301 1.88 -12.82 -21.38
C ARG A 301 1.42 -13.04 -19.94
N ILE A 302 1.18 -11.94 -19.21
CA ILE A 302 1.33 -11.97 -17.76
C ILE A 302 0.41 -13.01 -17.13
N GLU A 303 -0.82 -13.16 -17.65
CA GLU A 303 -1.76 -14.13 -17.09
C GLU A 303 -1.24 -15.57 -17.19
N ALA A 304 -0.29 -15.83 -18.07
CA ALA A 304 0.26 -17.16 -18.26
C ALA A 304 1.49 -17.41 -17.42
N MET A 305 1.90 -16.45 -16.60
CA MET A 305 3.16 -16.55 -15.86
C MET A 305 2.96 -17.23 -14.50
N SER A 306 4.01 -17.91 -14.06
CA SER A 306 4.00 -18.69 -12.83
C SER A 306 5.14 -18.24 -11.92
N GLY A 307 5.05 -18.66 -10.66
CA GLY A 307 6.12 -18.55 -9.69
C GLY A 307 6.82 -17.21 -9.60
N GLY A 308 8.15 -17.27 -9.70
CA GLY A 308 8.94 -16.07 -9.49
C GLY A 308 8.78 -15.05 -10.60
N GLU A 309 8.71 -15.51 -11.85
CA GLU A 309 8.53 -14.60 -12.98
C GLU A 309 7.26 -13.77 -12.78
N LYS A 310 6.21 -14.43 -12.29
CA LYS A 310 4.95 -13.76 -12.01
C LYS A 310 5.11 -12.69 -10.93
N ALA A 311 5.88 -12.99 -9.89
CA ALA A 311 6.01 -12.03 -8.79
C ALA A 311 6.92 -10.86 -9.19
N LEU A 312 8.00 -11.14 -9.92
CA LEU A 312 8.85 -10.06 -10.39
C LEU A 312 8.12 -9.14 -11.35
N THR A 313 7.25 -9.70 -12.20
CA THR A 313 6.48 -8.87 -13.11
C THR A 313 5.54 -7.95 -12.36
N ALA A 314 4.78 -8.51 -11.41
CA ALA A 314 3.86 -7.68 -10.63
C ALA A 314 4.63 -6.61 -9.86
N LEU A 315 5.79 -6.98 -9.31
CA LEU A 315 6.57 -5.98 -8.58
C LEU A 315 7.13 -4.92 -9.51
N ALA A 316 7.57 -5.31 -10.72
CA ALA A 316 8.09 -4.29 -11.64
C ALA A 316 6.99 -3.29 -11.96
N PHE A 317 5.76 -3.76 -12.08
CA PHE A 317 4.65 -2.85 -12.34
C PHE A 317 4.44 -1.89 -11.17
N VAL A 318 4.46 -2.41 -9.94
CA VAL A 318 4.29 -1.53 -8.77
C VAL A 318 5.39 -0.48 -8.74
N PHE A 319 6.64 -0.88 -8.92
CA PHE A 319 7.72 0.11 -8.82
C PHE A 319 7.76 1.05 -10.02
N ALA A 320 7.31 0.58 -11.19
CA ALA A 320 7.22 1.48 -12.34
C ALA A 320 6.30 2.65 -12.02
N ILE A 321 5.18 2.38 -11.35
CA ILE A 321 4.25 3.45 -10.96
C ILE A 321 4.87 4.30 -9.87
N GLN A 322 5.44 3.66 -8.83
CA GLN A 322 5.98 4.46 -7.72
C GLN A 322 7.14 5.34 -8.16
N LYS A 323 7.85 4.97 -9.23
CA LYS A 323 8.93 5.86 -9.70
C LYS A 323 8.35 7.09 -10.38
N PHE A 324 7.19 6.96 -11.01
CA PHE A 324 6.54 8.11 -11.65
C PHE A 324 5.80 8.96 -10.64
N LYS A 325 4.94 8.34 -9.83
CA LYS A 325 4.14 9.04 -8.82
C LYS A 325 4.19 8.18 -7.55
N PRO A 326 5.04 8.50 -6.60
CA PRO A 326 5.17 7.64 -5.41
C PRO A 326 3.95 7.77 -4.51
N ALA A 327 3.44 6.63 -4.05
CA ALA A 327 2.39 6.64 -3.04
C ALA A 327 2.98 6.95 -1.66
N PRO A 328 2.15 7.39 -0.71
CA PRO A 328 2.68 7.63 0.65
C PRO A 328 3.35 6.40 1.27
N PHE A 329 2.76 5.21 1.17
CA PHE A 329 3.40 4.01 1.69
C PHE A 329 3.06 2.81 0.81
N TYR A 330 3.90 1.78 0.92
CA TYR A 330 3.72 0.47 0.29
C TYR A 330 3.76 -0.59 1.38
N LEU A 331 2.92 -1.60 1.27
CA LEU A 331 2.82 -2.64 2.29
C LEU A 331 2.83 -3.99 1.59
N PHE A 332 3.88 -4.77 1.83
CA PHE A 332 4.11 -6.03 1.14
C PHE A 332 4.09 -7.19 2.13
N ASP A 333 3.51 -8.32 1.71
CA ASP A 333 3.63 -9.57 2.44
C ASP A 333 3.49 -10.69 1.42
N GLU A 334 4.30 -11.74 1.58
CA GLU A 334 4.33 -12.92 0.71
C GLU A 334 4.89 -12.63 -0.68
N ILE A 335 5.48 -11.45 -0.92
CA ILE A 335 6.00 -11.19 -2.25
C ILE A 335 7.22 -12.03 -2.57
N ASP A 336 7.84 -12.66 -1.56
CA ASP A 336 9.08 -13.42 -1.75
C ASP A 336 8.85 -14.93 -1.81
N ALA A 337 7.59 -15.37 -1.69
CA ALA A 337 7.28 -16.78 -1.51
C ALA A 337 7.84 -17.65 -2.63
N HIS A 338 8.00 -17.10 -3.83
CA HIS A 338 8.50 -17.89 -4.95
C HIS A 338 9.78 -17.30 -5.50
N LEU A 339 10.54 -16.60 -4.66
CA LEU A 339 11.80 -15.99 -5.07
C LEU A 339 12.94 -16.60 -4.27
N ASP A 340 14.02 -16.97 -4.96
CA ASP A 340 15.21 -17.38 -4.25
C ASP A 340 15.95 -16.16 -3.69
N ASP A 341 17.03 -16.45 -2.96
CA ASP A 341 17.75 -15.39 -2.27
C ASP A 341 18.31 -14.37 -3.25
N ALA A 342 18.81 -14.82 -4.40
CA ALA A 342 19.36 -13.89 -5.39
C ALA A 342 18.30 -12.92 -5.88
N ASN A 343 17.10 -13.42 -6.14
CA ASN A 343 16.02 -12.53 -6.56
C ASN A 343 15.54 -11.66 -5.40
N VAL A 344 15.45 -12.20 -4.18
CA VAL A 344 14.99 -11.40 -3.05
C VAL A 344 15.94 -10.23 -2.83
N LYS A 345 17.25 -10.47 -3.01
CA LYS A 345 18.23 -9.39 -2.90
C LYS A 345 17.91 -8.25 -3.87
N ARG A 346 17.62 -8.57 -5.12
CA ARG A 346 17.35 -7.52 -6.10
C ARG A 346 16.12 -6.70 -5.72
N VAL A 347 15.07 -7.37 -5.24
CA VAL A 347 13.87 -6.64 -4.83
C VAL A 347 14.15 -5.76 -3.63
N ALA A 348 14.89 -6.28 -2.65
CA ALA A 348 15.18 -5.51 -1.45
C ALA A 348 16.02 -4.29 -1.78
N ASP A 349 16.96 -4.41 -2.71
CA ASP A 349 17.73 -3.25 -3.13
C ASP A 349 16.83 -2.22 -3.81
N LEU A 350 15.88 -2.68 -4.63
CA LEU A 350 14.92 -1.77 -5.24
C LEU A 350 14.05 -1.08 -4.19
N ILE A 351 13.57 -1.86 -3.21
CA ILE A 351 12.81 -1.27 -2.11
C ILE A 351 13.64 -0.24 -1.36
N LYS A 352 14.89 -0.60 -1.02
CA LYS A 352 15.68 0.33 -0.23
C LYS A 352 15.94 1.62 -1.00
N GLU A 353 16.18 1.52 -2.31
CA GLU A 353 16.43 2.73 -3.09
C GLU A 353 15.16 3.58 -3.21
N SER A 354 13.99 2.94 -3.34
CA SER A 354 12.77 3.72 -3.46
C SER A 354 12.30 4.26 -2.12
N SER A 355 12.78 3.71 -1.01
CA SER A 355 12.28 4.10 0.31
C SER A 355 12.73 5.49 0.69
N LYS A 356 13.54 6.15 -0.14
CA LYS A 356 13.82 7.56 0.06
C LYS A 356 12.63 8.42 -0.36
N GLU A 357 11.72 7.90 -1.19
CA GLU A 357 10.59 8.69 -1.67
C GLU A 357 9.24 8.19 -1.18
N SER A 358 9.14 6.93 -0.75
CA SER A 358 7.92 6.39 -0.16
C SER A 358 8.29 5.60 1.07
N GLN A 359 7.33 5.48 1.99
CA GLN A 359 7.45 4.57 3.11
C GLN A 359 7.18 3.14 2.64
N PHE A 360 7.98 2.19 3.14
CA PHE A 360 7.80 0.79 2.79
C PHE A 360 7.73 -0.07 4.04
N ILE A 361 6.71 -0.91 4.11
CA ILE A 361 6.51 -1.86 5.21
C ILE A 361 6.47 -3.23 4.59
N VAL A 362 7.45 -4.07 4.93
CA VAL A 362 7.59 -5.40 4.36
C VAL A 362 7.55 -6.41 5.49
N ILE A 363 6.59 -7.33 5.41
CA ILE A 363 6.46 -8.45 6.36
C ILE A 363 7.23 -9.63 5.77
N THR A 364 8.20 -10.15 6.51
CA THR A 364 9.12 -11.12 5.91
C THR A 364 9.82 -11.89 7.01
N LEU A 365 10.33 -13.07 6.65
CA LEU A 365 11.35 -13.76 7.44
C LEU A 365 12.59 -14.07 6.62
N ARG A 366 12.78 -13.37 5.50
CA ARG A 366 13.94 -13.59 4.65
C ARG A 366 15.02 -12.58 5.05
N ASP A 367 16.17 -13.07 5.50
CA ASP A 367 17.16 -12.15 6.06
C ASP A 367 17.73 -11.23 4.98
N VAL A 368 17.74 -11.68 3.72
CA VAL A 368 18.22 -10.82 2.65
C VAL A 368 17.28 -9.63 2.45
N MET A 369 15.97 -9.84 2.64
CA MET A 369 15.04 -8.70 2.60
C MET A 369 15.23 -7.82 3.83
N MET A 370 15.34 -8.46 4.99
CA MET A 370 15.53 -7.81 6.29
C MET A 370 16.75 -6.89 6.33
N ALA A 371 17.86 -7.34 5.76
CA ALA A 371 19.15 -6.65 5.88
C ALA A 371 19.07 -5.19 5.46
N ASN A 372 18.21 -4.86 4.50
CA ASN A 372 18.17 -3.50 3.95
C ASN A 372 17.29 -2.53 4.74
N ALA A 373 16.63 -2.99 5.79
CA ALA A 373 15.62 -2.15 6.44
C ALA A 373 16.29 -1.12 7.34
N ASP A 374 15.63 0.04 7.48
CA ASP A 374 16.06 0.98 8.52
C ASP A 374 15.69 0.46 9.90
N LYS A 375 14.48 -0.07 10.06
CA LYS A 375 14.07 -0.61 11.35
C LYS A 375 13.42 -1.97 11.15
N ILE A 376 13.52 -2.79 12.18
CA ILE A 376 12.98 -4.15 12.15
C ILE A 376 12.12 -4.31 13.39
N ILE A 377 10.88 -4.77 13.18
CA ILE A 377 9.93 -5.04 14.24
C ILE A 377 9.82 -6.55 14.30
N GLY A 378 10.27 -7.13 15.41
CA GLY A 378 10.22 -8.57 15.58
C GLY A 378 8.96 -8.93 16.32
N VAL A 379 8.27 -9.95 15.83
CA VAL A 379 6.99 -10.38 16.38
C VAL A 379 7.14 -11.83 16.82
N SER A 380 6.65 -12.14 18.02
CA SER A 380 6.63 -13.51 18.50
C SER A 380 5.37 -13.71 19.32
N MET A 381 4.87 -14.94 19.31
CA MET A 381 3.64 -15.28 20.00
C MET A 381 3.99 -15.96 21.33
N ARG A 382 3.60 -15.33 22.43
CA ARG A 382 3.85 -15.81 23.79
C ARG A 382 2.49 -16.15 24.41
N ASP A 383 2.19 -17.45 24.52
CA ASP A 383 0.97 -17.95 25.17
C ASP A 383 -0.28 -17.54 24.40
N GLY A 384 -0.24 -17.75 23.08
CA GLY A 384 -1.33 -17.36 22.20
C GLY A 384 -1.52 -15.87 22.05
N VAL A 385 -0.55 -15.06 22.44
CA VAL A 385 -0.65 -13.61 22.34
C VAL A 385 0.61 -13.09 21.65
N SER A 386 0.43 -12.25 20.64
CA SER A 386 1.56 -11.71 19.89
C SER A 386 2.15 -10.50 20.62
N LYS A 387 3.48 -10.40 20.63
CA LYS A 387 4.13 -9.23 21.18
C LYS A 387 5.32 -8.85 20.30
N VAL A 388 5.80 -7.62 20.46
CA VAL A 388 6.78 -7.07 19.53
C VAL A 388 7.99 -6.52 20.25
N VAL A 389 9.12 -6.54 19.54
CA VAL A 389 10.39 -5.97 19.96
C VAL A 389 10.93 -5.17 18.79
N SER A 390 11.41 -3.96 19.04
CA SER A 390 11.81 -3.05 17.96
C SER A 390 13.31 -2.78 17.98
N LEU A 391 13.90 -2.75 16.79
CA LEU A 391 15.33 -2.66 16.59
C LEU A 391 15.63 -1.63 15.50
N SER A 392 16.59 -0.77 15.74
CA SER A 392 17.07 0.16 14.72
C SER A 392 18.38 -0.38 14.17
N LEU A 393 18.47 -0.51 12.85
CA LEU A 393 19.70 -1.09 12.29
C LEU A 393 20.84 -0.07 12.30
N GLU A 394 20.54 1.20 12.01
CA GLU A 394 21.56 2.23 12.12
C GLU A 394 22.13 2.27 13.54
N LYS A 395 21.26 2.35 14.54
CA LYS A 395 21.71 2.33 15.92
C LYS A 395 22.53 1.07 16.22
N ALA A 396 22.05 -0.09 15.77
CA ALA A 396 22.78 -1.35 15.96
C ALA A 396 24.15 -1.30 15.32
N MET A 397 24.24 -0.82 14.08
CA MET A 397 25.53 -0.72 13.41
C MET A 397 26.50 0.13 14.22
N LYS A 398 26.03 1.29 14.69
CA LYS A 398 26.90 2.16 15.49
C LYS A 398 27.34 1.47 16.77
N ILE A 399 26.39 0.92 17.54
CA ILE A 399 26.72 0.31 18.83
C ILE A 399 27.75 -0.80 18.66
N LEU A 400 27.63 -1.60 17.61
CA LEU A 400 28.53 -2.73 17.42
C LEU A 400 29.87 -2.32 16.85
N GLU A 401 29.89 -1.37 15.91
CA GLU A 401 31.16 -0.80 15.45
C GLU A 401 31.99 -0.29 16.63
N GLU A 402 31.33 0.41 17.57
CA GLU A 402 32.02 0.90 18.75
C GLU A 402 32.45 -0.23 19.69
N ILE A 403 31.69 -1.33 19.75
CA ILE A 403 32.13 -2.47 20.54
C ILE A 403 33.34 -3.14 19.89
N ARG A 404 33.49 -3.01 18.58
CA ARG A 404 34.64 -3.54 17.85
C ARG A 404 35.93 -2.81 18.25
N LYS A 405 35.98 -2.31 19.48
CA LYS A 405 37.15 -1.65 20.03
C LYS A 405 37.39 -2.17 21.45
N ASP B 1 18.02 -27.03 7.40
CA ASP B 1 18.71 -26.00 6.62
C ASP B 1 19.15 -24.84 7.53
N ILE B 2 18.18 -24.18 8.15
CA ILE B 2 18.47 -23.17 9.16
C ILE B 2 18.31 -23.73 10.58
N GLU B 3 17.62 -24.86 10.74
CA GLU B 3 17.32 -25.35 12.08
C GLU B 3 18.58 -25.55 12.90
N LYS B 4 19.71 -25.89 12.28
CA LYS B 4 20.91 -26.13 13.06
C LYS B 4 21.54 -24.83 13.56
N TYR B 5 21.40 -23.74 12.80
CA TYR B 5 21.93 -22.46 13.25
C TYR B 5 21.10 -21.88 14.39
N VAL B 6 19.77 -22.04 14.31
CA VAL B 6 18.91 -21.62 15.41
C VAL B 6 19.23 -22.42 16.68
N GLU B 7 19.38 -23.73 16.53
CA GLU B 7 19.75 -24.57 17.67
C GLU B 7 21.14 -24.22 18.21
N GLU B 8 22.11 -23.98 17.31
CA GLU B 8 23.43 -23.55 17.76
C GLU B 8 23.34 -22.31 18.62
N LEU B 9 22.54 -21.33 18.18
CA LEU B 9 22.43 -20.10 18.92
C LEU B 9 21.75 -20.33 20.27
N TYR B 10 20.77 -21.23 20.30
CA TYR B 10 20.14 -21.61 21.56
C TYR B 10 21.15 -22.16 22.56
N LYS B 11 21.99 -23.11 22.11
CA LYS B 11 22.97 -23.72 23.01
C LYS B 11 23.94 -22.69 23.54
N VAL B 12 24.35 -21.74 22.70
CA VAL B 12 25.20 -20.64 23.14
C VAL B 12 24.52 -19.83 24.23
N VAL B 13 23.25 -19.48 24.01
CA VAL B 13 22.48 -18.70 24.99
C VAL B 13 22.40 -19.45 26.32
N LYS B 14 22.06 -20.74 26.26
CA LYS B 14 21.93 -21.56 27.47
C LYS B 14 23.25 -21.70 28.21
N LYS B 15 24.35 -21.98 27.48
CA LYS B 15 25.64 -22.14 28.13
C LYS B 15 26.07 -20.84 28.83
N ILE B 16 25.91 -19.71 28.15
CA ILE B 16 26.31 -18.44 28.75
C ILE B 16 25.43 -18.15 29.97
N TYR B 17 24.14 -18.46 29.88
CA TYR B 17 23.25 -18.16 31.00
C TYR B 17 23.58 -19.05 32.21
N GLU B 18 23.92 -20.32 31.97
CA GLU B 18 24.33 -21.19 33.06
C GLU B 18 25.55 -20.66 33.81
N LYS B 19 26.36 -19.80 33.18
CA LYS B 19 27.56 -19.25 33.81
C LYS B 19 27.33 -17.90 34.48
N THR B 20 26.42 -17.06 33.98
CA THR B 20 26.23 -15.73 34.55
C THR B 20 24.95 -15.59 35.36
N GLY B 21 23.95 -16.42 35.09
CA GLY B 21 22.63 -16.28 35.68
C GLY B 21 21.91 -14.97 35.42
N THR B 22 22.44 -14.13 34.51
CA THR B 22 21.85 -12.82 34.26
C THR B 22 21.46 -12.68 32.79
N PRO B 23 20.50 -11.81 32.47
CA PRO B 23 20.06 -11.70 31.07
C PRO B 23 21.21 -11.30 30.15
N ILE B 24 21.20 -11.88 28.94
CA ILE B 24 22.26 -11.67 27.95
C ILE B 24 21.86 -10.52 27.02
N LYS B 25 22.76 -9.53 26.89
CA LYS B 25 22.52 -8.44 25.94
C LYS B 25 22.50 -8.96 24.49
N PHE B 26 21.48 -8.56 23.73
CA PHE B 26 21.43 -8.87 22.31
C PHE B 26 22.75 -8.53 21.63
N TRP B 27 23.29 -7.32 21.90
CA TRP B 27 24.50 -6.90 21.21
C TRP B 27 25.63 -7.92 21.38
N ASP B 28 25.71 -8.55 22.55
CA ASP B 28 26.80 -9.50 22.80
C ASP B 28 26.62 -10.79 22.02
N LEU B 29 25.47 -11.01 21.40
CA LEU B 29 25.16 -12.23 20.68
C LEU B 29 25.44 -12.13 19.19
N VAL B 30 25.61 -10.92 18.65
CA VAL B 30 25.71 -10.69 17.21
C VAL B 30 27.15 -10.91 16.75
N PRO B 31 27.42 -11.88 15.89
CA PRO B 31 28.82 -12.26 15.61
C PRO B 31 29.54 -11.39 14.59
N ASP B 32 28.85 -10.53 13.83
CA ASP B 32 29.52 -9.66 12.87
C ASP B 32 28.81 -8.32 12.80
N VAL B 33 29.59 -7.26 12.54
CA VAL B 33 29.04 -5.92 12.40
C VAL B 33 28.62 -5.73 10.95
N GLU B 34 27.56 -6.42 10.55
CA GLU B 34 27.02 -6.39 9.19
C GLU B 34 25.50 -6.44 9.35
N PRO B 35 24.75 -5.63 8.61
CA PRO B 35 23.29 -5.56 8.85
C PRO B 35 22.59 -6.90 8.69
N LYS B 36 23.02 -7.73 7.73
CA LYS B 36 22.36 -9.02 7.54
C LYS B 36 22.58 -9.93 8.72
N ILE B 37 23.73 -9.81 9.39
CA ILE B 37 24.02 -10.70 10.51
C ILE B 37 23.30 -10.21 11.76
N ILE B 38 23.23 -8.88 11.97
CA ILE B 38 22.36 -8.35 13.01
C ILE B 38 20.95 -8.84 12.80
N ALA B 39 20.44 -8.72 11.58
CA ALA B 39 19.07 -9.12 11.31
C ALA B 39 18.87 -10.60 11.57
N ARG B 40 19.81 -11.43 11.10
CA ARG B 40 19.68 -12.88 11.25
C ARG B 40 19.72 -13.30 12.72
N THR B 41 20.59 -12.69 13.52
CA THR B 41 20.61 -13.00 14.94
C THR B 41 19.28 -12.67 15.58
N PHE B 42 18.76 -11.47 15.30
CA PHE B 42 17.46 -11.06 15.81
C PHE B 42 16.38 -12.07 15.41
N LEU B 43 16.36 -12.46 14.14
CA LEU B 43 15.36 -13.40 13.63
C LEU B 43 15.44 -14.74 14.34
N TYR B 44 16.64 -15.29 14.47
CA TYR B 44 16.81 -16.59 15.12
C TYR B 44 16.32 -16.54 16.56
N LEU B 45 16.56 -15.42 17.26
CA LEU B 45 16.01 -15.26 18.59
C LEU B 45 14.49 -15.21 18.55
N LEU B 46 13.91 -14.53 17.56
CA LEU B 46 12.45 -14.50 17.50
C LEU B 46 11.88 -15.88 17.20
N PHE B 47 12.58 -16.67 16.36
CA PHE B 47 12.21 -18.07 16.17
C PHE B 47 12.23 -18.81 17.51
N LEU B 48 13.30 -18.65 18.28
CA LEU B 48 13.41 -19.34 19.56
C LEU B 48 12.32 -18.85 20.52
N GLU B 49 11.97 -17.58 20.46
CA GLU B 49 10.96 -17.09 21.38
C GLU B 49 9.57 -17.60 21.01
N ASN B 50 9.28 -17.71 19.71
CA ASN B 50 7.98 -18.22 19.31
C ASN B 50 7.80 -19.68 19.70
N MET B 51 8.89 -20.42 19.84
CA MET B 51 8.86 -21.80 20.31
C MET B 51 8.95 -21.92 21.82
N GLY B 52 9.00 -20.80 22.54
CA GLY B 52 9.05 -20.85 23.99
C GLY B 52 10.39 -21.23 24.58
N ARG B 53 11.48 -21.19 23.80
CA ARG B 53 12.79 -21.60 24.31
C ARG B 53 13.60 -20.44 24.90
N VAL B 54 13.34 -19.20 24.49
CA VAL B 54 13.93 -18.02 25.11
C VAL B 54 12.85 -16.97 25.30
N GLU B 55 13.14 -16.02 26.17
CA GLU B 55 12.33 -14.83 26.35
C GLU B 55 13.16 -13.60 25.97
N ILE B 56 12.59 -12.73 25.14
CA ILE B 56 13.24 -11.48 24.75
C ILE B 56 12.64 -10.35 25.59
N ILE B 57 13.50 -9.57 26.20
CA ILE B 57 13.09 -8.51 27.12
C ILE B 57 13.51 -7.17 26.53
N GLN B 58 12.55 -6.25 26.44
CA GLN B 58 12.82 -4.89 25.99
C GLN B 58 11.88 -3.97 26.75
N GLU B 59 12.45 -3.01 27.48
CA GLU B 59 11.63 -2.11 28.29
C GLU B 59 10.99 -1.02 27.45
N GLU B 60 11.79 -0.34 26.63
CA GLU B 60 11.34 0.78 25.83
C GLU B 60 11.56 0.50 24.34
N PRO B 61 10.74 1.07 23.47
CA PRO B 61 10.93 0.83 22.02
C PRO B 61 12.31 1.25 21.58
N PHE B 62 12.96 0.37 20.80
CA PHE B 62 14.33 0.58 20.32
C PHE B 62 15.34 0.70 21.46
N GLY B 63 14.99 0.18 22.63
CA GLY B 63 15.88 0.16 23.76
C GLY B 63 16.67 -1.13 23.81
N GLU B 64 17.57 -1.20 24.78
CA GLU B 64 18.39 -2.39 24.96
C GLU B 64 17.51 -3.64 24.98
N ILE B 65 17.95 -4.66 24.24
CA ILE B 65 17.28 -5.95 24.17
C ILE B 65 18.12 -6.97 24.95
N LEU B 66 17.45 -7.76 25.80
CA LEU B 66 18.08 -8.82 26.57
C LEU B 66 17.41 -10.15 26.29
N VAL B 67 18.14 -11.23 26.55
CA VAL B 67 17.69 -12.58 26.23
C VAL B 67 17.85 -13.46 27.46
N VAL B 68 16.81 -14.22 27.77
CA VAL B 68 16.89 -15.20 28.84
C VAL B 68 16.38 -16.54 28.31
N PRO B 69 17.11 -17.64 28.48
CA PRO B 69 16.59 -18.94 28.04
C PRO B 69 15.47 -19.43 28.97
N MET B 70 14.58 -20.25 28.42
CA MET B 70 13.47 -20.83 29.17
C MET B 70 13.63 -22.34 29.27
#